data_6V77
#
_entry.id   6V77
#
_cell.length_a   68.250
_cell.length_b   68.250
_cell.length_c   218.980
_cell.angle_alpha   90.000
_cell.angle_beta   90.000
_cell.angle_gamma   120.000
#
_symmetry.space_group_name_H-M   'P 32 2 1'
#
loop_
_entity.id
_entity.type
_entity.pdbx_description
1 polymer 'Putative HpcE protein'
2 non-polymer 'ZINC ION'
3 non-polymer 1,2-ETHANEDIOL
4 non-polymer 'SULFATE ION'
5 water water
#
_entity_poly.entity_id   1
_entity_poly.type   'polypeptide(L)'
_entity_poly.pdbx_seq_one_letter_code
;MRLINLDGRIHLVTGDGVVDVAKASEQRFGPDPQDLYQHWDAFQEWARTAALPAPSARVGTIGSPAPLPRQVFAVGLNYD
DHATESGLSKPEHPVIFTKFVSSITGPVETVQLPAGSVDWEVELVVVMGRGGRNIPEDRAWEFVAGVSVGQDLSERDLQL
AGPAPQFSLAKSHAGFSPIGPELVTVDELPDPDDLELGAEINGETVQHSRTSQLIFPVSNLIAYLSDTVELYPGDVIFTG
TPSGVGMGRNPKRFLAPGDELRTYITGVGEFTQRFVTADSASVAPRSGHHHHHH
;
_entity_poly.pdbx_strand_id   A,B
#
# COMPACT_ATOMS: atom_id res chain seq x y z
N MET A 1 -6.11 4.44 27.13
CA MET A 1 -5.92 3.01 26.88
C MET A 1 -4.57 2.75 26.20
N ARG A 2 -3.91 1.64 26.54
CA ARG A 2 -2.67 1.23 25.89
CA ARG A 2 -2.68 1.23 25.87
C ARG A 2 -2.79 -0.22 25.43
N LEU A 3 -2.32 -0.51 24.21
CA LEU A 3 -2.37 -1.85 23.65
C LEU A 3 -0.97 -2.29 23.27
N ILE A 4 -0.72 -3.59 23.36
CA ILE A 4 0.59 -4.14 22.98
C ILE A 4 0.38 -5.49 22.33
N ASN A 5 1.10 -5.71 21.22
CA ASN A 5 1.11 -6.96 20.49
C ASN A 5 2.23 -7.82 21.05
N LEU A 6 1.87 -8.91 21.75
CA LEU A 6 2.85 -9.81 22.35
C LEU A 6 2.72 -11.17 21.70
N ASP A 7 3.80 -11.63 21.08
CA ASP A 7 3.81 -12.91 20.36
C ASP A 7 2.61 -13.03 19.43
N GLY A 8 2.28 -11.92 18.75
CA GLY A 8 1.23 -11.93 17.76
C GLY A 8 -0.19 -11.78 18.30
N ARG A 9 -0.35 -11.58 19.60
CA ARG A 9 -1.66 -11.49 20.24
C ARG A 9 -1.85 -10.12 20.89
N ILE A 10 -2.96 -9.48 20.60
CA ILE A 10 -3.17 -8.11 21.08
C ILE A 10 -3.58 -8.16 22.55
N HIS A 11 -2.94 -7.31 23.36
CA HIS A 11 -3.18 -7.23 24.79
C HIS A 11 -3.54 -5.81 25.19
N LEU A 12 -4.37 -5.70 26.23
CA LEU A 12 -4.53 -4.44 26.93
C LEU A 12 -3.41 -4.29 27.94
N VAL A 13 -2.83 -3.10 28.03
CA VAL A 13 -1.93 -2.79 29.13
C VAL A 13 -2.78 -2.29 30.27
N THR A 14 -2.74 -3.02 31.40
N THR A 14 -2.71 -2.94 31.43
CA THR A 14 -3.56 -2.75 32.56
CA THR A 14 -3.48 -2.54 32.60
C THR A 14 -2.64 -2.76 33.76
C THR A 14 -2.51 -2.04 33.67
N GLY A 15 -2.56 -1.63 34.45
N GLY A 15 -2.63 -2.44 34.94
CA GLY A 15 -1.66 -1.52 35.58
CA GLY A 15 -1.75 -1.96 35.98
C GLY A 15 -0.22 -1.70 35.15
C GLY A 15 -0.49 -2.79 36.14
N ASP A 16 0.48 -2.60 35.83
N ASP A 16 0.57 -2.37 35.48
CA ASP A 16 1.83 -3.00 35.46
CA ASP A 16 1.89 -3.02 35.48
C ASP A 16 1.87 -4.36 34.77
C ASP A 16 1.86 -4.40 34.83
N GLY A 17 0.76 -4.79 34.19
CA GLY A 17 0.72 -6.06 33.48
C GLY A 17 -0.14 -5.99 32.23
N VAL A 18 -0.50 -7.16 31.68
CA VAL A 18 -1.23 -7.22 30.42
C VAL A 18 -2.42 -8.15 30.54
N VAL A 19 -3.43 -7.87 29.72
CA VAL A 19 -4.64 -8.67 29.62
C VAL A 19 -4.80 -9.10 28.18
N ASP A 20 -4.85 -10.42 27.96
CA ASP A 20 -5.03 -10.96 26.62
C ASP A 20 -6.45 -10.67 26.16
N VAL A 21 -6.60 -9.93 25.05
CA VAL A 21 -7.92 -9.42 24.65
C VAL A 21 -8.83 -10.58 24.20
N ALA A 22 -8.31 -11.48 23.38
CA ALA A 22 -9.13 -12.61 22.93
C ALA A 22 -9.59 -13.47 24.09
N LYS A 23 -8.67 -13.79 25.02
CA LYS A 23 -9.05 -14.63 26.16
C LYS A 23 -10.06 -13.91 27.04
N ALA A 24 -9.79 -12.63 27.36
CA ALA A 24 -10.66 -11.89 28.26
C ALA A 24 -12.04 -11.67 27.66
N SER A 25 -12.12 -11.47 26.35
CA SER A 25 -13.40 -11.21 25.69
C SER A 25 -14.07 -12.49 25.19
N GLU A 26 -13.59 -13.65 25.61
CA GLU A 26 -14.13 -14.93 25.16
C GLU A 26 -14.21 -14.98 23.63
N GLN A 27 -13.10 -14.56 23.00
CA GLN A 27 -12.85 -14.59 21.56
C GLN A 27 -13.70 -13.60 20.78
N ARG A 28 -14.38 -12.67 21.46
CA ARG A 28 -15.16 -11.66 20.75
C ARG A 28 -14.25 -10.71 19.97
N PHE A 29 -13.06 -10.41 20.48
CA PHE A 29 -12.10 -9.49 19.85
C PHE A 29 -10.72 -10.14 19.86
N GLY A 30 -9.94 -9.87 18.83
CA GLY A 30 -8.61 -10.42 18.74
C GLY A 30 -8.65 -11.89 18.38
N PRO A 31 -7.51 -12.59 18.52
CA PRO A 31 -6.22 -12.12 19.05
C PRO A 31 -5.37 -11.31 18.07
N ASP A 32 -5.67 -11.40 16.77
CA ASP A 32 -4.87 -10.71 15.77
CA ASP A 32 -4.88 -10.72 15.76
C ASP A 32 -4.98 -9.21 15.94
N PRO A 33 -3.87 -8.49 16.11
CA PRO A 33 -3.97 -7.04 16.35
C PRO A 33 -4.73 -6.32 15.26
N GLN A 34 -4.48 -6.65 13.99
CA GLN A 34 -5.06 -5.85 12.92
C GLN A 34 -6.58 -5.98 12.87
N ASP A 35 -7.10 -7.13 13.27
CA ASP A 35 -8.53 -7.36 13.26
C ASP A 35 -9.26 -6.50 14.29
N LEU A 36 -8.57 -6.02 15.33
CA LEU A 36 -9.21 -5.18 16.33
C LEU A 36 -9.71 -3.87 15.72
N TYR A 37 -8.97 -3.33 14.76
CA TYR A 37 -9.35 -2.01 14.24
C TYR A 37 -10.64 -2.09 13.44
N GLN A 38 -10.93 -3.23 12.81
CA GLN A 38 -12.21 -3.41 12.14
CA GLN A 38 -12.22 -3.39 12.15
C GLN A 38 -13.36 -3.61 13.13
N HIS A 39 -13.06 -3.75 14.43
CA HIS A 39 -14.08 -3.85 15.47
C HIS A 39 -13.92 -2.74 16.49
N TRP A 40 -13.33 -1.61 16.10
CA TRP A 40 -12.73 -0.69 17.07
C TRP A 40 -13.77 -0.12 18.04
N ASP A 41 -14.89 0.39 17.53
CA ASP A 41 -15.89 0.99 18.41
C ASP A 41 -16.43 -0.02 19.41
N ALA A 42 -16.79 -1.22 18.94
CA ALA A 42 -17.25 -2.25 19.87
C ALA A 42 -16.15 -2.69 20.83
N PHE A 43 -14.91 -2.75 20.37
CA PHE A 43 -13.83 -3.16 21.26
C PHE A 43 -13.67 -2.16 22.40
N GLN A 44 -13.65 -0.87 22.09
CA GLN A 44 -13.42 0.11 23.13
C GLN A 44 -14.55 0.14 24.14
N GLU A 45 -15.80 0.05 23.67
CA GLU A 45 -16.91 -0.03 24.60
C GLU A 45 -16.77 -1.25 25.51
N TRP A 46 -16.37 -2.39 24.94
CA TRP A 46 -16.15 -3.58 25.76
C TRP A 46 -15.03 -3.34 26.76
N ALA A 47 -13.90 -2.79 26.30
CA ALA A 47 -12.74 -2.67 27.17
C ALA A 47 -13.00 -1.73 28.33
N ARG A 48 -13.88 -0.74 28.14
CA ARG A 48 -14.10 0.28 29.15
C ARG A 48 -15.28 -0.03 30.07
N THR A 49 -15.99 -1.13 29.85
CA THR A 49 -17.09 -1.53 30.71
C THR A 49 -17.01 -2.96 31.20
N ALA A 50 -16.25 -3.82 30.55
CA ALA A 50 -16.23 -5.22 30.96
C ALA A 50 -15.41 -5.42 32.23
N ALA A 51 -15.68 -6.52 32.90
CA ALA A 51 -14.90 -6.92 34.06
C ALA A 51 -13.69 -7.71 33.56
N LEU A 52 -12.54 -7.05 33.54
CA LEU A 52 -11.32 -7.66 33.04
C LEU A 52 -10.65 -8.53 34.11
N PRO A 53 -9.99 -9.60 33.69
CA PRO A 53 -9.22 -10.40 34.64
C PRO A 53 -8.04 -9.61 35.18
N ALA A 54 -7.50 -10.07 36.31
CA ALA A 54 -6.30 -9.44 36.85
C ALA A 54 -5.16 -9.55 35.82
N PRO A 55 -4.31 -8.52 35.71
CA PRO A 55 -3.29 -8.56 34.66
C PRO A 55 -2.23 -9.62 34.90
N SER A 56 -1.66 -10.08 33.80
CA SER A 56 -0.58 -11.06 33.73
C SER A 56 0.76 -10.38 33.48
N ALA A 57 1.85 -11.10 33.76
CA ALA A 57 3.19 -10.60 33.48
C ALA A 57 3.36 -10.26 32.00
N ARG A 58 3.97 -9.11 31.73
CA ARG A 58 4.24 -8.65 30.37
C ARG A 58 5.47 -9.39 29.86
N VAL A 59 5.25 -10.43 29.03
CA VAL A 59 6.32 -11.21 28.43
C VAL A 59 5.99 -11.46 26.97
N GLY A 60 7.04 -11.72 26.19
CA GLY A 60 6.93 -12.13 24.80
C GLY A 60 7.55 -11.10 23.87
N THR A 61 7.64 -11.48 22.60
CA THR A 61 8.20 -10.60 21.59
C THR A 61 7.17 -9.55 21.21
N ILE A 62 7.61 -8.29 21.18
CA ILE A 62 6.71 -7.19 20.91
C ILE A 62 6.60 -7.00 19.39
N GLY A 63 5.38 -7.13 18.86
CA GLY A 63 5.12 -6.88 17.46
C GLY A 63 4.62 -5.47 17.23
N SER A 64 4.37 -5.16 15.96
CA SER A 64 3.74 -3.89 15.65
C SER A 64 2.30 -3.90 16.17
N PRO A 65 1.83 -2.78 16.74
CA PRO A 65 0.42 -2.70 17.13
C PRO A 65 -0.52 -2.63 15.95
N ALA A 66 0.01 -2.38 14.76
CA ALA A 66 -0.77 -2.44 13.51
C ALA A 66 0.12 -3.15 12.52
N PRO A 67 0.09 -4.49 12.51
CA PRO A 67 1.06 -5.23 11.69
C PRO A 67 0.69 -5.34 10.23
N LEU A 68 -0.57 -5.11 9.85
CA LEU A 68 -0.99 -5.38 8.47
C LEU A 68 -1.99 -4.32 8.00
N PRO A 69 -1.62 -3.04 8.07
CA PRO A 69 -2.53 -1.98 7.57
C PRO A 69 -2.83 -2.15 6.09
N ARG A 70 -4.08 -1.88 5.74
CA ARG A 70 -4.48 -1.95 4.33
C ARG A 70 -3.77 -0.89 3.50
N GLN A 71 -3.60 0.31 4.07
CA GLN A 71 -2.92 1.42 3.43
C GLN A 71 -1.92 2.02 4.41
N VAL A 72 -0.73 2.34 3.91
CA VAL A 72 0.31 3.02 4.70
C VAL A 72 0.65 4.33 4.01
N PHE A 73 0.54 5.44 4.74
CA PHE A 73 0.84 6.76 4.23
C PHE A 73 2.06 7.27 4.98
N ALA A 74 3.06 7.71 4.25
CA ALA A 74 4.25 8.28 4.86
C ALA A 74 4.45 9.67 4.28
N VAL A 75 4.82 10.61 5.15
CA VAL A 75 4.84 12.03 4.79
C VAL A 75 6.29 12.49 4.72
N GLY A 76 6.60 13.28 3.69
CA GLY A 76 7.91 13.89 3.61
C GLY A 76 7.81 15.38 3.84
N LEU A 77 8.94 16.01 4.17
CA LEU A 77 9.07 17.47 4.30
C LEU A 77 7.94 18.07 5.15
N ASN A 78 7.77 17.57 6.38
CA ASN A 78 6.64 18.02 7.19
C ASN A 78 7.04 18.63 8.53
N TYR A 79 8.27 19.13 8.68
CA TYR A 79 8.65 19.78 9.93
C TYR A 79 9.27 21.14 9.65
N ASP A 80 8.95 22.11 10.53
CA ASP A 80 9.49 23.47 10.46
C ASP A 80 11.01 23.47 10.54
N ASP A 81 11.55 22.95 11.63
CA ASP A 81 12.95 23.20 12.04
C ASP A 81 14.00 22.88 10.98
N LEU A 88 11.84 30.84 3.18
CA LEU A 88 11.57 29.60 2.47
C LEU A 88 10.10 29.47 2.15
N SER A 89 9.76 28.53 1.26
CA SER A 89 8.38 28.25 0.92
C SER A 89 8.03 26.84 1.38
N LYS A 90 6.96 26.72 2.14
CA LYS A 90 6.54 25.42 2.60
C LYS A 90 5.80 24.68 1.48
N PRO A 91 5.76 23.36 1.52
CA PRO A 91 4.88 22.65 0.59
C PRO A 91 3.46 23.16 0.73
N GLU A 92 2.76 23.22 -0.40
CA GLU A 92 1.37 23.63 -0.37
C GLU A 92 0.47 22.52 0.15
N HIS A 93 0.86 21.27 -0.06
CA HIS A 93 0.11 20.11 0.39
C HIS A 93 1.08 19.05 0.85
N PRO A 94 0.64 18.13 1.69
CA PRO A 94 1.53 17.06 2.17
C PRO A 94 2.13 16.26 1.02
N VAL A 95 3.42 15.94 1.15
CA VAL A 95 4.12 15.07 0.19
C VAL A 95 3.96 13.64 0.67
N ILE A 96 3.31 12.78 -0.15
CA ILE A 96 2.83 11.49 0.34
C ILE A 96 3.45 10.35 -0.47
N PHE A 97 3.98 9.35 0.23
CA PHE A 97 4.42 8.10 -0.38
C PHE A 97 3.99 6.96 0.53
N THR A 98 4.53 5.76 0.33
CA THR A 98 4.17 4.63 1.20
C THR A 98 5.42 3.94 1.74
N LYS A 99 5.21 3.09 2.72
CA LYS A 99 6.22 2.14 3.17
C LYS A 99 5.55 0.78 3.11
N PHE A 100 6.06 -0.09 2.24
CA PHE A 100 5.31 -1.30 1.93
C PHE A 100 5.20 -2.19 3.16
N VAL A 101 4.05 -2.89 3.28
CA VAL A 101 3.70 -3.48 4.56
C VAL A 101 4.69 -4.59 4.95
N SER A 102 5.35 -5.23 3.97
CA SER A 102 6.36 -6.24 4.32
C SER A 102 7.53 -5.66 5.10
N SER A 103 7.68 -4.33 5.18
CA SER A 103 8.76 -3.72 5.95
C SER A 103 8.37 -3.41 7.40
N ILE A 104 7.10 -3.59 7.77
CA ILE A 104 6.62 -3.23 9.09
C ILE A 104 7.01 -4.33 10.06
N THR A 105 7.61 -3.93 11.18
CA THR A 105 7.93 -4.83 12.28
C THR A 105 7.49 -4.18 13.59
N GLY A 106 7.62 -4.98 14.64
CA GLY A 106 7.64 -4.42 15.98
C GLY A 106 8.97 -3.74 16.26
N PRO A 107 9.16 -3.28 17.49
CA PRO A 107 10.44 -2.67 17.89
C PRO A 107 11.51 -3.72 18.17
N VAL A 108 11.87 -4.47 17.13
CA VAL A 108 12.75 -5.61 17.31
C VAL A 108 14.18 -5.14 17.58
N GLU A 109 14.98 -6.05 18.15
CA GLU A 109 16.28 -5.71 18.70
C GLU A 109 17.26 -5.21 17.64
N THR A 110 17.23 -5.80 16.44
CA THR A 110 18.23 -5.51 15.43
C THR A 110 17.60 -5.22 14.08
N VAL A 111 18.32 -4.45 13.27
CA VAL A 111 17.92 -4.11 11.91
C VAL A 111 19.08 -4.43 10.98
N GLN A 112 18.81 -5.12 9.88
CA GLN A 112 19.84 -5.38 8.87
C GLN A 112 20.11 -4.10 8.10
N LEU A 113 21.40 -3.78 7.92
CA LEU A 113 21.80 -2.62 7.14
C LEU A 113 22.08 -3.06 5.72
N PRO A 114 21.25 -2.69 4.75
CA PRO A 114 21.62 -2.92 3.36
C PRO A 114 22.74 -1.97 2.96
N ALA A 115 23.37 -2.26 1.83
CA ALA A 115 24.37 -1.37 1.28
C ALA A 115 23.74 -0.01 0.97
N GLY A 116 24.55 1.03 1.03
CA GLY A 116 24.09 2.38 0.75
C GLY A 116 24.24 3.28 1.96
N SER A 117 23.40 4.32 2.00
CA SER A 117 23.42 5.35 3.05
C SER A 117 22.11 5.30 3.81
N VAL A 118 22.08 4.53 4.89
CA VAL A 118 20.86 4.32 5.66
C VAL A 118 20.75 5.40 6.74
N ASP A 119 19.62 6.11 6.75
CA ASP A 119 19.41 7.29 7.58
C ASP A 119 18.25 7.03 8.54
N TRP A 120 18.25 7.74 9.66
CA TRP A 120 17.22 7.63 10.68
C TRP A 120 16.18 8.73 10.53
N GLU A 121 14.94 8.43 10.95
CA GLU A 121 13.86 9.43 10.99
C GLU A 121 12.88 9.03 12.10
N VAL A 122 12.99 9.65 13.28
CA VAL A 122 11.95 9.41 14.30
C VAL A 122 10.65 10.02 13.82
N GLU A 123 9.55 9.28 13.99
CA GLU A 123 8.25 9.80 13.56
C GLU A 123 7.13 9.40 14.50
N LEU A 124 6.17 10.32 14.69
CA LEU A 124 4.90 9.96 15.31
C LEU A 124 4.09 9.13 14.33
N VAL A 125 3.66 7.95 14.76
CA VAL A 125 2.83 7.07 13.94
C VAL A 125 1.40 7.16 14.43
N VAL A 126 0.46 7.31 13.49
CA VAL A 126 -0.97 7.42 13.78
C VAL A 126 -1.64 6.18 13.19
N VAL A 127 -2.47 5.52 13.98
CA VAL A 127 -3.25 4.37 13.48
C VAL A 127 -4.73 4.77 13.51
N MET A 128 -5.42 4.57 12.39
CA MET A 128 -6.81 5.00 12.30
C MET A 128 -7.73 4.04 13.04
N GLY A 129 -8.76 4.59 13.67
CA GLY A 129 -9.77 3.78 14.33
C GLY A 129 -11.10 3.87 13.62
N ARG A 130 -11.22 4.87 12.75
CA ARG A 130 -12.42 5.08 11.96
C ARG A 130 -11.97 5.64 10.62
N GLY A 131 -12.70 5.31 9.56
CA GLY A 131 -12.29 5.73 8.23
C GLY A 131 -13.32 6.57 7.49
N GLY A 132 -13.12 6.71 6.18
CA GLY A 132 -14.01 7.48 5.33
C GLY A 132 -13.28 8.37 4.34
N ARG A 133 -14.04 9.03 3.46
CA ARG A 133 -13.55 10.10 2.62
C ARG A 133 -14.03 11.44 3.18
N ASN A 134 -13.29 12.49 2.87
CA ASN A 134 -13.60 13.85 3.32
C ASN A 134 -13.85 13.90 4.83
N ILE A 135 -12.90 13.37 5.58
CA ILE A 135 -12.96 13.45 7.05
C ILE A 135 -12.73 14.90 7.46
N PRO A 136 -13.63 15.50 8.25
CA PRO A 136 -13.46 16.92 8.61
C PRO A 136 -12.25 17.11 9.52
N GLU A 137 -11.44 18.11 9.20
CA GLU A 137 -10.20 18.34 9.95
C GLU A 137 -10.49 18.61 11.43
N ASP A 138 -11.58 19.30 11.72
CA ASP A 138 -11.78 19.68 13.11
C ASP A 138 -12.28 18.53 13.98
N ARG A 139 -12.57 17.37 13.40
CA ARG A 139 -12.93 16.19 14.19
C ARG A 139 -11.95 15.04 13.97
N ALA A 140 -10.79 15.30 13.34
CA ALA A 140 -9.99 14.20 12.82
C ALA A 140 -9.46 13.31 13.93
N TRP A 141 -9.14 13.88 15.10
CA TRP A 141 -8.59 13.03 16.16
C TRP A 141 -9.58 11.99 16.65
N GLU A 142 -10.88 12.26 16.49
CA GLU A 142 -11.87 11.25 16.85
C GLU A 142 -11.80 10.02 15.96
N PHE A 143 -11.17 10.13 14.80
CA PHE A 143 -10.99 8.98 13.91
C PHE A 143 -9.71 8.21 14.18
N VAL A 144 -8.90 8.65 15.14
CA VAL A 144 -7.62 8.03 15.44
C VAL A 144 -7.84 6.99 16.53
N ALA A 145 -7.40 5.75 16.26
CA ALA A 145 -7.38 4.73 17.30
C ALA A 145 -6.34 5.09 18.36
N GLY A 146 -5.12 5.36 17.91
CA GLY A 146 -4.08 5.82 18.82
C GLY A 146 -2.81 6.08 18.05
N VAL A 147 -1.75 6.34 18.81
CA VAL A 147 -0.45 6.70 18.25
C VAL A 147 0.60 5.75 18.77
N SER A 148 1.74 5.72 18.07
CA SER A 148 2.87 4.89 18.51
C SER A 148 4.14 5.56 18.03
N VAL A 149 5.29 4.96 18.39
CA VAL A 149 6.60 5.44 17.96
C VAL A 149 6.96 4.70 16.68
N GLY A 150 7.59 5.41 15.73
CA GLY A 150 8.08 4.76 14.53
C GLY A 150 9.44 5.29 14.12
N GLN A 151 10.13 4.49 13.31
CA GLN A 151 11.27 4.94 12.52
C GLN A 151 10.91 4.86 11.04
N ASP A 152 11.26 5.90 10.29
CA ASP A 152 11.20 5.81 8.83
C ASP A 152 12.61 5.65 8.29
N LEU A 153 13.16 4.44 8.48
CA LEU A 153 14.51 4.16 8.01
C LEU A 153 14.54 4.24 6.49
N SER A 154 15.59 4.89 5.97
CA SER A 154 15.62 5.31 4.58
C SER A 154 17.00 5.08 4.01
N GLU A 155 17.09 4.35 2.90
CA GLU A 155 18.35 4.16 2.19
C GLU A 155 18.44 5.27 1.15
N ARG A 156 19.26 6.30 1.43
CA ARG A 156 19.14 7.56 0.69
C ARG A 156 19.57 7.45 -0.76
N ASP A 157 20.50 6.55 -1.08
CA ASP A 157 20.93 6.43 -2.46
C ASP A 157 19.76 6.02 -3.35
N LEU A 158 19.09 4.92 -2.99
CA LEU A 158 17.93 4.49 -3.77
C LEU A 158 16.81 5.51 -3.69
N GLN A 159 16.66 6.18 -2.54
CA GLN A 159 15.52 7.08 -2.36
C GLN A 159 15.55 8.25 -3.35
N LEU A 160 16.72 8.83 -3.60
CA LEU A 160 16.81 10.11 -4.29
C LEU A 160 17.31 10.00 -5.73
N ALA A 161 17.64 8.80 -6.20
CA ALA A 161 18.26 8.65 -7.49
C ALA A 161 17.24 8.63 -8.62
N GLY A 162 17.70 8.98 -9.82
CA GLY A 162 16.94 8.75 -11.03
C GLY A 162 16.03 9.91 -11.36
N PRO A 163 15.24 9.76 -12.42
CA PRO A 163 14.28 10.80 -12.77
C PRO A 163 13.11 10.77 -11.81
N ALA A 164 12.71 11.95 -11.33
CA ALA A 164 11.59 12.12 -10.42
C ALA A 164 11.62 11.06 -9.32
N PRO A 165 12.59 11.12 -8.42
CA PRO A 165 12.76 10.02 -7.45
C PRO A 165 11.50 9.78 -6.65
N GLN A 166 11.10 8.52 -6.57
CA GLN A 166 9.95 8.07 -5.80
C GLN A 166 10.46 7.34 -4.57
N PHE A 167 9.99 7.75 -3.39
CA PHE A 167 10.68 7.44 -2.14
C PHE A 167 10.36 6.08 -1.51
N SER A 168 9.32 5.36 -1.97
CA SER A 168 8.80 4.28 -1.12
C SER A 168 9.75 3.10 -1.00
N LEU A 169 10.34 2.65 -2.11
CA LEU A 169 11.10 1.40 -2.06
C LEU A 169 12.30 1.53 -1.12
N ALA A 170 13.00 2.66 -1.17
CA ALA A 170 14.17 2.84 -0.32
C ALA A 170 13.82 2.87 1.17
N LYS A 171 12.56 3.11 1.52
CA LYS A 171 12.09 3.10 2.89
C LYS A 171 11.36 1.82 3.24
N SER A 172 11.53 0.78 2.42
CA SER A 172 10.74 -0.44 2.59
C SER A 172 11.63 -1.68 2.63
N HIS A 173 12.92 -1.52 2.91
CA HIS A 173 13.76 -2.67 3.20
C HIS A 173 13.21 -3.40 4.42
N ALA A 174 13.61 -4.66 4.56
CA ALA A 174 13.19 -5.45 5.71
C ALA A 174 13.49 -4.71 7.01
N GLY A 175 12.47 -4.58 7.86
CA GLY A 175 12.62 -3.91 9.15
C GLY A 175 12.75 -2.40 9.09
N PHE A 176 12.53 -1.77 7.92
CA PHE A 176 12.69 -0.33 7.87
C PHE A 176 11.47 0.42 8.39
N SER A 177 10.42 -0.27 8.84
CA SER A 177 9.24 0.40 9.37
C SER A 177 8.84 -0.20 10.72
N PRO A 178 9.71 -0.07 11.74
CA PRO A 178 9.33 -0.55 13.08
C PRO A 178 8.34 0.41 13.75
N ILE A 179 7.34 -0.17 14.40
CA ILE A 179 6.30 0.58 15.09
C ILE A 179 6.10 -0.05 16.47
N GLY A 180 6.01 0.77 17.51
CA GLY A 180 5.81 0.24 18.84
C GLY A 180 6.48 1.08 19.90
N PRO A 181 6.51 0.58 21.15
CA PRO A 181 6.00 -0.74 21.53
C PRO A 181 4.49 -0.83 21.76
N GLU A 182 3.82 0.30 22.02
CA GLU A 182 2.41 0.27 22.39
C GLU A 182 1.62 1.17 21.48
N LEU A 183 0.33 0.83 21.30
CA LEU A 183 -0.64 1.79 20.78
C LEU A 183 -1.16 2.57 21.98
N VAL A 184 -1.14 3.89 21.89
CA VAL A 184 -1.49 4.77 23.00
C VAL A 184 -2.66 5.63 22.53
N THR A 185 -3.81 5.49 23.18
CA THR A 185 -4.98 6.22 22.68
C THR A 185 -4.87 7.71 23.03
N VAL A 186 -5.72 8.50 22.36
CA VAL A 186 -5.57 9.95 22.38
C VAL A 186 -5.78 10.50 23.78
N ASP A 187 -6.68 9.90 24.55
CA ASP A 187 -6.97 10.41 25.89
C ASP A 187 -5.80 10.26 26.84
N GLU A 188 -4.74 9.56 26.45
CA GLU A 188 -3.55 9.45 27.29
C GLU A 188 -2.55 10.55 27.03
N LEU A 189 -2.74 11.32 25.95
CA LEU A 189 -1.72 12.30 25.56
C LEU A 189 -2.07 13.65 26.15
N PRO A 190 -1.13 14.27 26.89
CA PRO A 190 -1.42 15.60 27.47
C PRO A 190 -1.86 16.61 26.42
N ASP A 191 -1.08 16.73 25.34
CA ASP A 191 -1.49 17.51 24.17
C ASP A 191 -1.18 16.66 22.95
N PRO A 192 -2.22 16.07 22.34
CA PRO A 192 -1.99 15.22 21.17
C PRO A 192 -1.23 15.91 20.05
N ASP A 193 -1.33 17.24 19.95
CA ASP A 193 -0.74 18.03 18.88
C ASP A 193 0.60 18.61 19.27
N ASP A 194 1.19 18.19 20.42
CA ASP A 194 2.45 18.80 20.88
C ASP A 194 3.23 17.77 21.69
N LEU A 195 3.82 16.79 21.01
CA LEU A 195 4.54 15.70 21.66
C LEU A 195 6.02 15.86 21.40
N GLU A 196 6.83 15.70 22.45
CA GLU A 196 8.27 15.72 22.29
C GLU A 196 8.72 14.41 21.65
N LEU A 197 9.62 14.50 20.68
CA LEU A 197 10.12 13.28 20.04
C LEU A 197 11.59 13.48 19.73
N GLY A 198 12.32 12.37 19.69
CA GLY A 198 13.74 12.47 19.36
C GLY A 198 14.36 11.13 19.07
N ALA A 199 15.65 11.19 18.72
CA ALA A 199 16.45 10.01 18.44
C ALA A 199 17.88 10.24 18.89
N GLU A 200 18.52 9.16 19.34
CA GLU A 200 19.90 9.20 19.77
C GLU A 200 20.66 8.07 19.10
N ILE A 201 21.89 8.33 18.68
CA ILE A 201 22.77 7.29 18.17
C ILE A 201 23.90 7.13 19.16
N ASN A 202 24.05 5.91 19.68
CA ASN A 202 25.06 5.61 20.68
C ASN A 202 25.03 6.67 21.78
N GLY A 203 23.82 6.98 22.26
CA GLY A 203 23.62 7.88 23.38
C GLY A 203 23.65 9.36 23.06
N GLU A 204 23.88 9.73 21.80
CA GLU A 204 24.15 11.09 21.39
C GLU A 204 22.95 11.61 20.60
N THR A 205 22.43 12.78 21.00
CA THR A 205 21.21 13.28 20.37
C THR A 205 21.46 13.59 18.89
N VAL A 206 20.62 13.02 18.03
CA VAL A 206 20.66 13.35 16.61
C VAL A 206 19.36 13.98 16.11
N GLN A 207 18.24 13.81 16.81
CA GLN A 207 17.00 14.50 16.50
C GLN A 207 16.33 14.86 17.81
N HIS A 208 15.69 16.03 17.84
CA HIS A 208 14.96 16.40 19.05
C HIS A 208 14.02 17.54 18.68
N SER A 209 12.72 17.27 18.69
CA SER A 209 11.75 18.28 18.30
C SER A 209 10.44 18.05 19.04
N ARG A 210 9.39 18.76 18.62
CA ARG A 210 8.04 18.59 19.15
C ARG A 210 7.10 18.53 17.95
N THR A 211 6.05 17.70 18.05
CA THR A 211 5.13 17.62 16.92
C THR A 211 4.30 18.88 16.72
N SER A 212 4.39 19.87 17.62
CA SER A 212 3.82 21.18 17.31
C SER A 212 4.49 21.81 16.11
N GLN A 213 5.66 21.30 15.72
CA GLN A 213 6.37 21.80 14.56
C GLN A 213 5.94 21.15 13.25
N LEU A 214 4.99 20.21 13.27
CA LEU A 214 4.47 19.67 12.02
C LEU A 214 3.92 20.80 11.14
N ILE A 215 4.31 20.79 9.86
CA ILE A 215 3.78 21.78 8.93
C ILE A 215 2.29 21.52 8.69
N PHE A 216 1.97 20.26 8.44
CA PHE A 216 0.61 19.73 8.40
C PHE A 216 0.37 18.86 9.62
N PRO A 217 -0.37 19.35 10.62
CA PRO A 217 -0.59 18.55 11.82
C PRO A 217 -1.41 17.31 11.50
N VAL A 218 -1.50 16.44 12.52
CA VAL A 218 -2.17 15.15 12.33
C VAL A 218 -3.57 15.33 11.76
N SER A 219 -4.32 16.30 12.29
CA SER A 219 -5.69 16.46 11.81
C SER A 219 -5.71 16.87 10.35
N ASN A 220 -4.75 17.69 9.94
CA ASN A 220 -4.71 18.14 8.55
C ASN A 220 -4.30 17.00 7.61
N LEU A 221 -3.34 16.17 8.04
CA LEU A 221 -2.93 15.02 7.25
C LEU A 221 -4.11 14.08 7.02
N ILE A 222 -4.85 13.76 8.08
CA ILE A 222 -5.99 12.86 7.95
C ILE A 222 -7.01 13.43 6.98
N ALA A 223 -7.39 14.70 7.20
CA ALA A 223 -8.36 15.34 6.31
C ALA A 223 -7.88 15.34 4.87
N TYR A 224 -6.63 15.76 4.66
CA TYR A 224 -6.09 15.87 3.31
C TYR A 224 -6.03 14.53 2.60
N LEU A 225 -5.52 13.50 3.28
CA LEU A 225 -5.47 12.18 2.67
C LEU A 225 -6.87 11.75 2.26
N SER A 226 -7.84 11.92 3.16
CA SER A 226 -9.21 11.49 2.92
C SER A 226 -9.90 12.27 1.81
N ASP A 227 -9.31 13.38 1.35
CA ASP A 227 -9.89 14.09 0.21
C ASP A 227 -9.54 13.44 -1.13
N THR A 228 -8.65 12.44 -1.13
CA THR A 228 -8.33 11.65 -2.32
C THR A 228 -8.61 10.17 -2.17
N VAL A 229 -8.23 9.57 -1.03
CA VAL A 229 -8.44 8.15 -0.78
C VAL A 229 -9.54 7.98 0.27
N GLU A 230 -10.03 6.75 0.38
CA GLU A 230 -10.84 6.37 1.53
C GLU A 230 -9.89 5.82 2.59
N LEU A 231 -9.84 6.46 3.77
CA LEU A 231 -9.06 5.87 4.85
C LEU A 231 -9.85 4.73 5.48
N TYR A 232 -9.13 3.72 5.99
CA TYR A 232 -9.73 2.56 6.64
C TYR A 232 -9.29 2.47 8.09
N PRO A 233 -10.13 1.93 8.97
CA PRO A 233 -9.63 1.53 10.30
C PRO A 233 -8.41 0.64 10.14
N GLY A 234 -7.39 0.90 10.97
CA GLY A 234 -6.16 0.14 10.92
C GLY A 234 -5.10 0.69 9.98
N ASP A 235 -5.44 1.66 9.12
CA ASP A 235 -4.43 2.32 8.31
C ASP A 235 -3.43 3.07 9.18
N VAL A 236 -2.22 3.23 8.64
CA VAL A 236 -1.07 3.73 9.39
C VAL A 236 -0.54 4.96 8.66
N ILE A 237 -0.26 6.03 9.41
CA ILE A 237 0.36 7.24 8.87
C ILE A 237 1.68 7.48 9.58
N PHE A 238 2.77 7.48 8.83
CA PHE A 238 4.04 7.99 9.32
C PHE A 238 4.06 9.49 9.08
N THR A 239 3.98 10.30 10.15
CA THR A 239 3.61 11.71 9.97
C THR A 239 4.75 12.63 9.59
N GLY A 240 5.97 12.14 9.40
CA GLY A 240 7.10 12.95 9.01
C GLY A 240 8.16 13.02 10.11
N THR A 241 9.28 13.66 9.80
CA THR A 241 10.40 13.64 10.73
C THR A 241 11.04 15.01 10.85
N PRO A 242 11.54 15.38 12.04
CA PRO A 242 12.19 16.68 12.21
C PRO A 242 13.60 16.68 11.65
N SER A 243 14.25 17.85 11.74
CA SER A 243 15.63 17.99 11.26
C SER A 243 16.58 17.17 12.13
N GLY A 244 17.85 17.09 11.70
CA GLY A 244 18.84 16.27 12.37
C GLY A 244 19.14 14.92 11.71
N VAL A 245 18.51 14.61 10.58
CA VAL A 245 18.85 13.38 9.87
C VAL A 245 20.32 13.44 9.42
N GLY A 246 20.91 12.25 9.23
CA GLY A 246 22.32 12.17 8.91
C GLY A 246 22.67 12.77 7.56
N MET A 247 21.75 12.67 6.60
CA MET A 247 21.86 13.42 5.35
C MET A 247 22.30 14.85 5.62
N GLY A 248 21.58 15.55 6.49
CA GLY A 248 21.75 16.96 6.78
C GLY A 248 22.91 17.33 7.65
N ARG A 249 23.62 16.35 8.23
CA ARG A 249 24.77 16.65 9.06
C ARG A 249 25.98 16.96 8.18
N ASN A 250 26.87 17.79 8.72
CA ASN A 250 28.14 18.12 8.07
C ASN A 250 29.28 17.80 9.02
N PRO A 251 30.09 16.75 8.76
CA PRO A 251 29.99 15.81 7.63
C PRO A 251 28.74 14.92 7.67
N LYS A 252 28.32 14.42 6.50
CA LYS A 252 27.12 13.60 6.40
C LYS A 252 27.37 12.21 7.01
N ARG A 253 26.52 11.84 7.96
CA ARG A 253 26.71 10.62 8.73
C ARG A 253 25.53 9.68 8.51
N PHE A 254 25.83 8.39 8.35
CA PHE A 254 24.78 7.39 8.15
C PHE A 254 25.00 6.25 9.14
N LEU A 255 23.97 5.41 9.26
CA LEU A 255 24.06 4.33 10.23
C LEU A 255 25.13 3.33 9.82
N ALA A 256 25.87 2.86 10.81
CA ALA A 256 27.00 1.97 10.60
C ALA A 256 26.79 0.71 11.42
N PRO A 257 27.40 -0.39 11.01
CA PRO A 257 27.31 -1.62 11.83
C PRO A 257 27.72 -1.36 13.27
N GLY A 258 26.89 -1.83 14.19
CA GLY A 258 27.12 -1.64 15.60
C GLY A 258 26.38 -0.47 16.22
N ASP A 259 25.92 0.49 15.41
CA ASP A 259 25.24 1.65 15.99
C ASP A 259 23.98 1.22 16.72
N GLU A 260 23.70 1.89 17.84
CA GLU A 260 22.44 1.70 18.56
C GLU A 260 21.60 2.96 18.41
N LEU A 261 20.40 2.81 17.84
CA LEU A 261 19.51 3.93 17.59
C LEU A 261 18.37 3.88 18.60
N ARG A 262 18.31 4.88 19.49
CA ARG A 262 17.20 4.99 20.44
C ARG A 262 16.20 5.99 19.88
N THR A 263 14.93 5.60 19.86
CA THR A 263 13.85 6.41 19.31
C THR A 263 12.80 6.59 20.38
N TYR A 264 12.36 7.83 20.62
CA TYR A 264 11.38 8.05 21.68
C TYR A 264 10.40 9.14 21.31
N ILE A 265 9.21 9.03 21.91
CA ILE A 265 8.19 10.08 21.93
C ILE A 265 7.66 10.15 23.36
N THR A 266 7.79 11.32 23.98
CA THR A 266 7.47 11.44 25.39
C THR A 266 5.98 11.26 25.63
N GLY A 267 5.62 10.43 26.62
CA GLY A 267 4.23 10.09 26.84
C GLY A 267 3.70 8.96 25.96
N VAL A 268 4.49 8.46 25.02
CA VAL A 268 4.05 7.41 24.12
C VAL A 268 4.91 6.15 24.28
N GLY A 269 6.21 6.28 24.13
CA GLY A 269 7.09 5.16 24.41
C GLY A 269 8.48 5.35 23.81
N GLU A 270 9.24 4.25 23.79
CA GLU A 270 10.56 4.32 23.20
C GLU A 270 11.01 2.92 22.82
N PHE A 271 11.97 2.87 21.90
CA PHE A 271 12.64 1.60 21.62
C PHE A 271 14.04 1.88 21.09
N THR A 272 14.90 0.88 21.24
CA THR A 272 16.28 0.94 20.78
C THR A 272 16.59 -0.25 19.88
N GLN A 273 17.26 0.01 18.76
CA GLN A 273 17.61 -1.02 17.79
C GLN A 273 19.10 -0.94 17.47
N ARG A 274 19.72 -2.10 17.30
CA ARG A 274 21.10 -2.19 16.87
C ARG A 274 21.18 -2.61 15.41
N PHE A 275 22.14 -2.06 14.69
CA PHE A 275 22.27 -2.33 13.27
C PHE A 275 23.42 -3.29 13.00
N VAL A 276 23.18 -4.25 12.12
CA VAL A 276 24.15 -5.28 11.78
C VAL A 276 24.22 -5.39 10.27
N THR A 277 25.33 -5.94 9.79
CA THR A 277 25.52 -5.98 8.35
C THR A 277 25.20 -7.36 7.76
N MET B 1 -6.32 -21.10 -17.50
CA MET B 1 -7.43 -20.93 -16.58
C MET B 1 -7.76 -19.42 -16.51
N ARG B 2 -9.04 -19.10 -16.29
CA ARG B 2 -9.47 -17.71 -16.14
C ARG B 2 -10.36 -17.61 -14.91
N LEU B 3 -10.17 -16.53 -14.14
CA LEU B 3 -10.94 -16.27 -12.94
C LEU B 3 -11.62 -14.91 -13.07
N ILE B 4 -12.78 -14.78 -12.42
CA ILE B 4 -13.52 -13.53 -12.42
C ILE B 4 -14.18 -13.36 -11.05
N ASN B 5 -14.10 -12.14 -10.53
CA ASN B 5 -14.68 -11.77 -9.25
C ASN B 5 -16.07 -11.20 -9.53
N LEU B 6 -17.12 -11.90 -9.09
CA LEU B 6 -18.49 -11.46 -9.32
C LEU B 6 -19.15 -11.21 -7.96
N ASP B 7 -19.57 -9.97 -7.74
CA ASP B 7 -20.16 -9.55 -6.47
C ASP B 7 -19.30 -10.01 -5.29
N GLY B 8 -17.98 -9.87 -5.43
CA GLY B 8 -17.07 -10.21 -4.34
C GLY B 8 -16.73 -11.67 -4.17
N ARG B 9 -17.30 -12.56 -4.98
CA ARG B 9 -17.06 -14.01 -4.90
C ARG B 9 -16.25 -14.47 -6.11
N ILE B 10 -15.17 -15.20 -5.86
CA ILE B 10 -14.30 -15.57 -6.97
C ILE B 10 -14.90 -16.75 -7.72
N HIS B 11 -14.89 -16.67 -9.04
CA HIS B 11 -15.44 -17.70 -9.91
C HIS B 11 -14.39 -18.19 -10.90
N LEU B 12 -14.54 -19.43 -11.30
CA LEU B 12 -13.74 -20.03 -12.36
C LEU B 12 -14.52 -19.91 -13.67
N VAL B 13 -13.84 -19.46 -14.72
CA VAL B 13 -14.44 -19.40 -16.05
C VAL B 13 -14.42 -20.82 -16.63
N THR B 14 -15.60 -21.34 -16.96
CA THR B 14 -15.74 -22.69 -17.51
C THR B 14 -16.59 -22.60 -18.77
N GLY B 15 -15.94 -22.71 -19.93
CA GLY B 15 -16.67 -22.55 -21.17
C GLY B 15 -17.20 -21.14 -21.30
N ASP B 16 -18.49 -21.03 -21.62
CA ASP B 16 -19.13 -19.74 -21.80
C ASP B 16 -19.71 -19.18 -20.52
N GLY B 17 -19.65 -19.92 -19.41
CA GLY B 17 -20.18 -19.44 -18.16
C GLY B 17 -19.17 -19.47 -17.02
N VAL B 18 -19.65 -19.49 -15.78
CA VAL B 18 -18.76 -19.47 -14.62
C VAL B 18 -19.23 -20.42 -13.53
N VAL B 19 -18.33 -20.71 -12.60
CA VAL B 19 -18.59 -21.60 -11.48
C VAL B 19 -18.07 -20.93 -10.21
N ASP B 20 -18.92 -20.86 -9.18
CA ASP B 20 -18.54 -20.27 -7.91
C ASP B 20 -17.55 -21.20 -7.22
N VAL B 21 -16.35 -20.71 -6.91
CA VAL B 21 -15.29 -21.59 -6.42
C VAL B 21 -15.62 -22.13 -5.04
N ALA B 22 -16.13 -21.28 -4.15
CA ALA B 22 -16.36 -21.72 -2.78
C ALA B 22 -17.43 -22.80 -2.71
N LYS B 23 -18.53 -22.62 -3.47
CA LYS B 23 -19.56 -23.65 -3.52
C LYS B 23 -19.02 -24.92 -4.17
N ALA B 24 -18.28 -24.78 -5.27
CA ALA B 24 -17.82 -25.95 -6.00
C ALA B 24 -16.85 -26.78 -5.17
N SER B 25 -16.00 -26.11 -4.41
CA SER B 25 -14.95 -26.75 -3.62
C SER B 25 -15.40 -27.08 -2.22
N GLU B 26 -16.70 -26.95 -1.92
CA GLU B 26 -17.24 -27.19 -0.58
C GLU B 26 -16.50 -26.36 0.47
N GLN B 27 -16.29 -25.08 0.15
CA GLN B 27 -15.74 -24.05 1.03
C GLN B 27 -14.24 -24.21 1.24
N ARG B 28 -13.57 -25.08 0.50
CA ARG B 28 -12.13 -25.27 0.69
C ARG B 28 -11.32 -24.10 0.15
N PHE B 29 -11.80 -23.44 -0.92
CA PHE B 29 -11.18 -22.27 -1.54
C PHE B 29 -12.21 -21.18 -1.77
N GLY B 30 -11.85 -19.93 -1.45
CA GLY B 30 -12.74 -18.82 -1.65
C GLY B 30 -13.69 -18.66 -0.49
N PRO B 31 -14.69 -17.78 -0.63
CA PRO B 31 -15.02 -17.01 -1.85
C PRO B 31 -14.14 -15.75 -2.09
N ASP B 32 -13.38 -15.32 -1.09
CA ASP B 32 -12.53 -14.14 -1.26
CA ASP B 32 -12.53 -14.15 -1.27
C ASP B 32 -11.42 -14.45 -2.26
N PRO B 33 -11.23 -13.63 -3.31
CA PRO B 33 -10.16 -13.92 -4.27
C PRO B 33 -8.79 -14.05 -3.63
N GLN B 34 -8.45 -13.19 -2.65
CA GLN B 34 -7.11 -13.30 -2.10
C GLN B 34 -6.85 -14.65 -1.43
N ASP B 35 -7.90 -15.37 -0.99
CA ASP B 35 -7.70 -16.70 -0.40
C ASP B 35 -7.16 -17.67 -1.44
N LEU B 36 -7.57 -17.51 -2.69
CA LEU B 36 -7.04 -18.38 -3.73
C LEU B 36 -5.55 -18.14 -3.92
N TYR B 37 -5.14 -16.87 -4.00
CA TYR B 37 -3.73 -16.59 -4.23
C TYR B 37 -2.89 -17.09 -3.08
N GLN B 38 -3.40 -16.97 -1.84
CA GLN B 38 -2.64 -17.44 -0.70
C GLN B 38 -2.46 -18.96 -0.74
N HIS B 39 -3.39 -19.67 -1.36
CA HIS B 39 -3.31 -21.12 -1.47
C HIS B 39 -3.31 -21.54 -2.94
N TRP B 40 -2.50 -20.84 -3.75
CA TRP B 40 -2.58 -20.94 -5.21
C TRP B 40 -2.31 -22.35 -5.70
N ASP B 41 -1.21 -22.98 -5.24
CA ASP B 41 -0.87 -24.29 -5.79
C ASP B 41 -1.93 -25.31 -5.42
N ALA B 42 -2.37 -25.31 -4.16
CA ALA B 42 -3.44 -26.21 -3.74
C ALA B 42 -4.70 -25.96 -4.55
N PHE B 43 -5.03 -24.68 -4.81
CA PHE B 43 -6.22 -24.37 -5.58
C PHE B 43 -6.13 -24.94 -6.99
N GLN B 44 -4.99 -24.73 -7.65
CA GLN B 44 -4.82 -25.20 -9.02
C GLN B 44 -4.86 -26.72 -9.09
N GLU B 45 -4.27 -27.39 -8.09
CA GLU B 45 -4.33 -28.85 -8.07
C GLU B 45 -5.77 -29.32 -7.91
N TRP B 46 -6.54 -28.68 -7.02
CA TRP B 46 -7.95 -29.04 -6.86
C TRP B 46 -8.71 -28.85 -8.17
N ALA B 47 -8.54 -27.68 -8.78
CA ALA B 47 -9.24 -27.39 -10.03
C ALA B 47 -8.91 -28.41 -11.12
N ARG B 48 -7.67 -28.90 -11.15
CA ARG B 48 -7.27 -29.84 -12.20
C ARG B 48 -8.13 -31.10 -12.20
N THR B 49 -8.55 -31.56 -11.03
CA THR B 49 -9.27 -32.83 -10.95
C THR B 49 -10.69 -32.67 -10.41
N ALA B 50 -11.16 -31.44 -10.24
CA ALA B 50 -12.45 -31.23 -9.61
C ALA B 50 -13.60 -31.58 -10.55
N ALA B 51 -14.69 -32.09 -9.96
CA ALA B 51 -15.94 -32.29 -10.66
C ALA B 51 -16.79 -31.04 -10.47
N LEU B 52 -16.88 -30.22 -11.50
CA LEU B 52 -17.55 -28.93 -11.30
C LEU B 52 -19.03 -29.03 -11.66
N PRO B 53 -19.88 -28.18 -11.09
CA PRO B 53 -21.27 -28.15 -11.54
C PRO B 53 -21.39 -27.52 -12.91
N ALA B 54 -22.60 -27.49 -13.46
CA ALA B 54 -22.82 -26.85 -14.75
C ALA B 54 -22.47 -25.37 -14.65
N PRO B 55 -21.94 -24.78 -15.73
CA PRO B 55 -21.62 -23.34 -15.69
C PRO B 55 -22.89 -22.52 -15.55
N SER B 56 -22.76 -21.40 -14.85
CA SER B 56 -23.82 -20.42 -14.75
C SER B 56 -23.47 -19.17 -15.55
N ALA B 57 -24.50 -18.36 -15.84
CA ALA B 57 -24.27 -17.10 -16.54
C ALA B 57 -23.54 -16.11 -15.64
N ARG B 58 -22.65 -15.33 -16.25
CA ARG B 58 -21.98 -14.26 -15.53
CA ARG B 58 -21.97 -14.25 -15.56
C ARG B 58 -22.99 -13.19 -15.16
N VAL B 59 -23.23 -13.00 -13.87
CA VAL B 59 -24.09 -11.92 -13.41
C VAL B 59 -23.48 -11.30 -12.16
N GLY B 60 -23.77 -10.03 -11.96
CA GLY B 60 -23.25 -9.28 -10.82
C GLY B 60 -22.18 -8.29 -11.25
N THR B 61 -21.73 -7.52 -10.27
CA THR B 61 -20.63 -6.58 -10.47
C THR B 61 -19.34 -7.34 -10.69
N ILE B 62 -18.63 -7.02 -11.77
CA ILE B 62 -17.30 -7.56 -11.98
C ILE B 62 -16.34 -6.76 -11.12
N GLY B 63 -15.75 -7.41 -10.12
CA GLY B 63 -14.75 -6.76 -9.27
C GLY B 63 -13.35 -6.99 -9.78
N SER B 64 -12.39 -6.34 -9.13
CA SER B 64 -11.01 -6.65 -9.45
C SER B 64 -10.74 -8.12 -9.13
N PRO B 65 -9.98 -8.82 -9.99
CA PRO B 65 -9.60 -10.20 -9.64
C PRO B 65 -8.70 -10.26 -8.41
N ALA B 66 -8.06 -9.15 -8.02
CA ALA B 66 -7.29 -9.04 -6.79
C ALA B 66 -7.79 -7.78 -6.10
N PRO B 67 -8.87 -7.86 -5.33
CA PRO B 67 -9.50 -6.64 -4.80
C PRO B 67 -8.82 -6.09 -3.55
N LEU B 68 -8.03 -6.88 -2.82
CA LEU B 68 -7.41 -6.41 -1.57
C LEU B 68 -5.96 -6.89 -1.47
N PRO B 69 -5.11 -6.49 -2.41
CA PRO B 69 -3.70 -6.90 -2.33
C PRO B 69 -3.03 -6.28 -1.10
N ARG B 70 -2.15 -7.05 -0.48
CA ARG B 70 -1.38 -6.51 0.65
C ARG B 70 -0.45 -5.38 0.20
N GLN B 71 0.15 -5.51 -0.98
CA GLN B 71 1.06 -4.52 -1.53
C GLN B 71 0.70 -4.31 -2.99
N VAL B 72 0.72 -3.05 -3.42
CA VAL B 72 0.49 -2.68 -4.83
C VAL B 72 1.74 -1.97 -5.31
N PHE B 73 2.35 -2.48 -6.36
CA PHE B 73 3.52 -1.85 -6.95
C PHE B 73 3.13 -1.25 -8.29
N ALA B 74 3.34 0.05 -8.44
CA ALA B 74 3.05 0.70 -9.72
C ALA B 74 4.35 1.22 -10.29
N VAL B 75 4.57 0.96 -11.57
CA VAL B 75 5.85 1.20 -12.22
C VAL B 75 5.67 2.40 -13.14
N GLY B 76 6.56 3.39 -13.01
CA GLY B 76 6.61 4.51 -13.93
C GLY B 76 7.64 4.29 -15.03
N LEU B 77 7.52 5.08 -16.09
CA LEU B 77 8.45 5.09 -17.23
C LEU B 77 9.04 3.73 -17.55
N ASN B 78 8.20 2.80 -18.04
CA ASN B 78 8.69 1.45 -18.34
C ASN B 78 8.46 1.07 -19.80
N TYR B 79 8.22 2.06 -20.65
CA TYR B 79 8.29 1.93 -22.10
C TYR B 79 9.08 3.12 -22.59
N ASP B 80 10.02 2.92 -23.50
CA ASP B 80 10.92 4.01 -23.85
C ASP B 80 10.17 5.20 -24.41
N ASP B 81 9.18 4.96 -25.26
CA ASP B 81 8.48 6.07 -25.90
C ASP B 81 7.60 6.81 -24.91
N HIS B 82 7.13 6.15 -23.83
CA HIS B 82 6.43 6.89 -22.80
C HIS B 82 7.39 7.71 -21.96
N ALA B 83 8.59 7.17 -21.68
CA ALA B 83 9.62 7.96 -21.03
C ALA B 83 9.92 9.24 -21.81
N THR B 84 10.09 9.13 -23.14
CA THR B 84 10.38 10.29 -23.95
C THR B 84 9.28 11.35 -23.84
N GLU B 85 8.02 10.92 -23.87
CA GLU B 85 6.91 11.87 -23.91
C GLU B 85 6.63 12.48 -22.53
N SER B 86 7.16 11.90 -21.46
CA SER B 86 6.95 12.43 -20.12
C SER B 86 7.78 13.68 -19.84
N GLY B 87 8.77 13.97 -20.67
CA GLY B 87 9.70 15.05 -20.39
C GLY B 87 10.83 14.68 -19.46
N LEU B 88 10.81 13.47 -18.91
CA LEU B 88 11.83 13.01 -17.98
C LEU B 88 12.85 12.13 -18.70
N SER B 89 13.99 11.94 -18.04
CA SER B 89 15.04 11.07 -18.54
C SER B 89 14.61 9.60 -18.47
N LYS B 90 15.19 8.79 -19.35
CA LYS B 90 14.89 7.36 -19.35
C LYS B 90 15.49 6.74 -18.09
N PRO B 91 14.75 5.86 -17.41
CA PRO B 91 15.25 5.29 -16.16
C PRO B 91 16.24 4.17 -16.38
N GLU B 92 17.18 4.05 -15.43
CA GLU B 92 18.11 2.94 -15.38
C GLU B 92 17.65 1.81 -14.47
N HIS B 93 16.70 2.07 -13.59
CA HIS B 93 16.08 1.06 -12.74
C HIS B 93 14.60 1.36 -12.69
N PRO B 94 13.77 0.36 -12.35
CA PRO B 94 12.32 0.61 -12.25
C PRO B 94 11.99 1.74 -11.28
N VAL B 95 11.10 2.62 -11.73
CA VAL B 95 10.55 3.69 -10.90
C VAL B 95 9.31 3.14 -10.22
N ILE B 96 9.31 3.09 -8.88
CA ILE B 96 8.29 2.35 -8.15
C ILE B 96 7.49 3.29 -7.24
N PHE B 97 6.17 3.22 -7.35
CA PHE B 97 5.28 3.91 -6.43
C PHE B 97 4.11 2.99 -6.16
N THR B 98 3.03 3.51 -5.58
CA THR B 98 1.92 2.62 -5.28
C THR B 98 0.62 3.27 -5.77
N LYS B 99 -0.41 2.46 -5.83
CA LYS B 99 -1.78 2.93 -6.04
C LYS B 99 -2.57 2.37 -4.86
N PHE B 100 -3.05 3.26 -4.00
CA PHE B 100 -3.60 2.80 -2.72
C PHE B 100 -4.83 1.92 -2.94
N VAL B 101 -4.98 0.90 -2.09
CA VAL B 101 -5.97 -0.14 -2.36
C VAL B 101 -7.40 0.38 -2.40
N SER B 102 -7.71 1.49 -1.72
CA SER B 102 -9.05 2.03 -1.78
C SER B 102 -9.45 2.49 -3.19
N SER B 103 -8.47 2.68 -4.09
CA SER B 103 -8.74 3.08 -5.47
C SER B 103 -8.95 1.91 -6.41
N ILE B 104 -8.74 0.68 -5.95
CA ILE B 104 -8.85 -0.48 -6.83
C ILE B 104 -10.32 -0.83 -6.98
N THR B 105 -10.74 -1.02 -8.23
CA THR B 105 -12.08 -1.48 -8.55
C THR B 105 -11.98 -2.52 -9.65
N GLY B 106 -13.13 -3.10 -10.00
CA GLY B 106 -13.23 -3.84 -11.24
C GLY B 106 -13.45 -2.86 -12.37
N PRO B 107 -13.82 -3.37 -13.53
CA PRO B 107 -14.05 -2.52 -14.72
C PRO B 107 -15.39 -1.81 -14.67
N VAL B 108 -15.52 -0.87 -13.74
CA VAL B 108 -16.78 -0.18 -13.46
CA VAL B 108 -16.82 -0.26 -13.51
C VAL B 108 -17.19 0.70 -14.64
N GLU B 109 -18.49 0.78 -14.92
CA GLU B 109 -18.95 1.48 -16.11
C GLU B 109 -18.64 2.99 -16.11
N THR B 110 -18.53 3.62 -14.93
CA THR B 110 -18.31 5.06 -14.87
C THR B 110 -17.22 5.41 -13.87
N VAL B 111 -16.48 6.47 -14.19
CA VAL B 111 -15.42 6.98 -13.31
C VAL B 111 -15.64 8.47 -13.13
N GLN B 112 -15.60 8.91 -11.87
CA GLN B 112 -15.76 10.33 -11.57
C GLN B 112 -14.44 11.05 -11.84
N LEU B 113 -14.53 12.16 -12.59
CA LEU B 113 -13.39 13.02 -12.86
C LEU B 113 -13.19 14.01 -11.73
N PRO B 114 -12.14 13.89 -10.94
CA PRO B 114 -11.78 14.97 -10.03
C PRO B 114 -11.34 16.18 -10.84
N ALA B 115 -11.36 17.34 -10.18
CA ALA B 115 -10.78 18.52 -10.79
C ALA B 115 -9.33 18.27 -11.16
N GLY B 116 -8.89 18.83 -12.29
CA GLY B 116 -7.52 18.68 -12.72
C GLY B 116 -7.41 18.11 -14.12
N SER B 117 -6.31 17.39 -14.35
CA SER B 117 -5.93 16.90 -15.67
C SER B 117 -5.84 15.39 -15.59
N VAL B 118 -6.94 14.70 -15.89
CA VAL B 118 -6.99 13.25 -15.70
C VAL B 118 -6.56 12.55 -16.98
N ASP B 119 -5.60 11.65 -16.85
CA ASP B 119 -4.90 11.06 -17.97
C ASP B 119 -5.04 9.55 -17.92
N TRP B 120 -4.98 8.91 -19.09
CA TRP B 120 -5.14 7.46 -19.25
C TRP B 120 -3.79 6.78 -19.38
N GLU B 121 -3.73 5.51 -18.95
CA GLU B 121 -2.51 4.70 -19.03
C GLU B 121 -2.91 3.22 -19.04
N VAL B 122 -3.02 2.59 -20.21
CA VAL B 122 -3.28 1.14 -20.24
C VAL B 122 -2.06 0.42 -19.71
N GLU B 123 -2.29 -0.61 -18.88
CA GLU B 123 -1.15 -1.37 -18.35
C GLU B 123 -1.48 -2.85 -18.24
N LEU B 124 -0.45 -3.68 -18.43
CA LEU B 124 -0.53 -5.07 -18.03
C LEU B 124 -0.44 -5.15 -16.51
N VAL B 125 -1.40 -5.85 -15.90
CA VAL B 125 -1.41 -6.06 -14.45
C VAL B 125 -1.01 -7.49 -14.18
N VAL B 126 -0.13 -7.68 -13.20
CA VAL B 126 0.39 -8.97 -12.78
C VAL B 126 -0.08 -9.22 -11.35
N VAL B 127 -0.58 -10.43 -11.08
CA VAL B 127 -1.02 -10.82 -9.74
C VAL B 127 -0.14 -11.97 -9.31
N MET B 128 0.48 -11.86 -8.14
CA MET B 128 1.41 -12.88 -7.67
C MET B 128 0.67 -14.11 -7.17
N GLY B 129 1.24 -15.29 -7.45
CA GLY B 129 0.70 -16.55 -6.96
C GLY B 129 1.60 -17.18 -5.91
N ARG B 130 2.85 -16.74 -5.87
CA ARG B 130 3.82 -17.17 -4.85
C ARG B 130 4.64 -15.95 -4.48
N GLY B 131 5.00 -15.84 -3.20
CA GLY B 131 5.71 -14.68 -2.71
C GLY B 131 7.17 -14.96 -2.44
N GLY B 132 7.82 -13.96 -1.83
CA GLY B 132 9.18 -14.13 -1.36
C GLY B 132 10.10 -12.96 -1.61
N ARG B 133 11.27 -13.04 -1.01
CA ARG B 133 12.39 -12.13 -1.23
C ARG B 133 13.39 -12.83 -2.15
N ASN B 134 14.09 -12.02 -2.94
CA ASN B 134 15.15 -12.53 -3.82
C ASN B 134 14.65 -13.64 -4.73
N ILE B 135 13.53 -13.36 -5.39
CA ILE B 135 13.01 -14.25 -6.43
C ILE B 135 13.89 -14.11 -7.68
N PRO B 136 14.44 -15.20 -8.22
CA PRO B 136 15.35 -15.06 -9.36
C PRO B 136 14.59 -14.72 -10.62
N GLU B 137 15.21 -13.88 -11.45
CA GLU B 137 14.55 -13.44 -12.67
C GLU B 137 14.18 -14.62 -13.55
N ASP B 138 15.05 -15.65 -13.63
CA ASP B 138 14.76 -16.71 -14.58
C ASP B 138 13.65 -17.64 -14.11
N ARG B 139 13.15 -17.47 -12.89
CA ARG B 139 12.00 -18.23 -12.40
C ARG B 139 10.77 -17.38 -12.16
N ALA B 140 10.81 -16.08 -12.49
CA ALA B 140 9.81 -15.17 -11.93
C ALA B 140 8.39 -15.50 -12.40
N TRP B 141 8.23 -15.90 -13.66
CA TRP B 141 6.86 -16.15 -14.13
C TRP B 141 6.22 -17.30 -13.38
N GLU B 142 7.03 -18.23 -12.86
CA GLU B 142 6.48 -19.32 -12.06
C GLU B 142 5.89 -18.83 -10.75
N PHE B 143 6.21 -17.61 -10.33
CA PHE B 143 5.63 -17.01 -9.13
C PHE B 143 4.37 -16.21 -9.42
N VAL B 144 3.94 -16.15 -10.69
CA VAL B 144 2.81 -15.33 -11.11
C VAL B 144 1.57 -16.20 -11.19
N ALA B 145 0.50 -15.76 -10.52
CA ALA B 145 -0.80 -16.42 -10.68
C ALA B 145 -1.36 -16.18 -12.08
N GLY B 146 -1.48 -14.91 -12.45
CA GLY B 146 -1.98 -14.60 -13.78
C GLY B 146 -1.87 -13.11 -14.03
N VAL B 147 -2.42 -12.69 -15.17
CA VAL B 147 -2.34 -11.30 -15.59
C VAL B 147 -3.74 -10.79 -15.84
N SER B 148 -3.89 -9.46 -15.86
CA SER B 148 -5.17 -8.88 -16.19
C SER B 148 -4.93 -7.52 -16.85
N VAL B 149 -6.03 -6.85 -17.19
CA VAL B 149 -5.97 -5.53 -17.81
C VAL B 149 -6.15 -4.49 -16.72
N GLY B 150 -5.38 -3.39 -16.79
CA GLY B 150 -5.55 -2.30 -15.85
C GLY B 150 -5.45 -0.94 -16.52
N GLN B 151 -5.94 0.07 -15.79
CA GLN B 151 -5.72 1.48 -16.10
C GLN B 151 -5.00 2.09 -14.93
N ASP B 152 -3.93 2.84 -15.19
CA ASP B 152 -3.34 3.68 -14.14
C ASP B 152 -3.80 5.11 -14.40
N LEU B 153 -5.05 5.41 -14.03
CA LEU B 153 -5.57 6.75 -14.23
C LEU B 153 -4.83 7.70 -13.31
N SER B 154 -4.53 8.89 -13.82
CA SER B 154 -3.56 9.78 -13.18
C SER B 154 -4.04 11.21 -13.26
N GLU B 155 -4.19 11.87 -12.11
CA GLU B 155 -4.49 13.30 -12.10
C GLU B 155 -3.14 14.03 -12.16
N ARG B 156 -2.78 14.55 -13.36
CA ARG B 156 -1.41 14.98 -13.57
C ARG B 156 -1.04 16.23 -12.77
N ASP B 157 -2.00 17.08 -12.43
CA ASP B 157 -1.67 18.29 -11.68
C ASP B 157 -1.09 17.93 -10.32
N LEU B 158 -1.83 17.12 -9.56
CA LEU B 158 -1.33 16.66 -8.26
C LEU B 158 -0.07 15.82 -8.43
N GLN B 159 -0.01 15.00 -9.48
CA GLN B 159 1.11 14.08 -9.64
C GLN B 159 2.44 14.80 -9.71
N LEU B 160 2.46 15.96 -10.37
CA LEU B 160 3.70 16.66 -10.66
C LEU B 160 3.92 17.90 -9.81
N ALA B 161 3.02 18.21 -8.88
CA ALA B 161 3.10 19.47 -8.16
C ALA B 161 4.03 19.39 -6.95
N GLY B 162 4.51 20.56 -6.53
CA GLY B 162 5.23 20.69 -5.27
C GLY B 162 6.65 20.17 -5.34
N PRO B 163 7.43 20.42 -4.29
CA PRO B 163 8.79 19.85 -4.25
C PRO B 163 8.71 18.35 -4.15
N ALA B 164 9.72 17.69 -4.71
CA ALA B 164 9.89 16.24 -4.68
C ALA B 164 8.58 15.51 -5.01
N PRO B 165 7.99 15.74 -6.19
CA PRO B 165 6.66 15.17 -6.48
C PRO B 165 6.61 13.66 -6.36
N GLN B 166 5.67 13.18 -5.56
CA GLN B 166 5.43 11.76 -5.36
C GLN B 166 4.09 11.37 -6.01
N PHE B 167 4.11 10.30 -6.81
CA PHE B 167 3.06 10.02 -7.77
C PHE B 167 1.83 9.29 -7.23
N SER B 168 1.90 8.69 -6.04
CA SER B 168 0.90 7.69 -5.67
C SER B 168 -0.49 8.31 -5.50
N LEU B 169 -0.59 9.42 -4.78
CA LEU B 169 -1.90 9.95 -4.41
C LEU B 169 -2.69 10.36 -5.64
N ALA B 170 -2.03 11.01 -6.60
CA ALA B 170 -2.68 11.42 -7.85
C ALA B 170 -3.22 10.25 -8.66
N LYS B 171 -2.71 9.05 -8.42
CA LYS B 171 -3.13 7.84 -9.09
C LYS B 171 -4.04 6.98 -8.22
N SER B 172 -4.59 7.56 -7.13
CA SER B 172 -5.35 6.80 -6.16
C SER B 172 -6.69 7.44 -5.84
N HIS B 173 -7.18 8.35 -6.70
CA HIS B 173 -8.54 8.81 -6.55
C HIS B 173 -9.50 7.64 -6.68
N ALA B 174 -10.74 7.83 -6.23
CA ALA B 174 -11.72 6.76 -6.35
C ALA B 174 -11.83 6.26 -7.79
N GLY B 175 -11.72 4.95 -7.96
CA GLY B 175 -11.84 4.30 -9.25
C GLY B 175 -10.66 4.49 -10.17
N PHE B 176 -9.56 5.04 -9.69
CA PHE B 176 -8.40 5.24 -10.56
C PHE B 176 -7.57 3.98 -10.79
N SER B 177 -7.91 2.84 -10.21
CA SER B 177 -7.16 1.60 -10.42
C SER B 177 -8.08 0.44 -10.78
N PRO B 178 -8.78 0.54 -11.92
CA PRO B 178 -9.60 -0.60 -12.34
C PRO B 178 -8.72 -1.73 -12.87
N ILE B 179 -9.10 -2.97 -12.51
CA ILE B 179 -8.40 -4.17 -12.95
C ILE B 179 -9.46 -5.17 -13.36
N GLY B 180 -9.27 -5.82 -14.51
CA GLY B 180 -10.20 -6.83 -14.96
C GLY B 180 -10.33 -6.89 -16.46
N PRO B 181 -11.35 -7.60 -16.96
CA PRO B 181 -12.40 -8.26 -16.17
C PRO B 181 -11.98 -9.58 -15.54
N GLU B 182 -10.97 -10.25 -16.11
CA GLU B 182 -10.62 -11.60 -15.70
C GLU B 182 -9.14 -11.71 -15.41
N LEU B 183 -8.79 -12.63 -14.52
CA LEU B 183 -7.41 -13.05 -14.36
C LEU B 183 -7.17 -14.18 -15.34
N VAL B 184 -6.06 -14.09 -16.09
CA VAL B 184 -5.72 -15.08 -17.11
C VAL B 184 -4.39 -15.71 -16.74
N THR B 185 -4.37 -17.04 -16.57
CA THR B 185 -3.11 -17.63 -16.13
C THR B 185 -2.10 -17.66 -17.28
N VAL B 186 -0.83 -17.83 -16.91
CA VAL B 186 0.29 -17.64 -17.83
C VAL B 186 0.27 -18.64 -18.98
N ASP B 187 -0.23 -19.86 -18.74
CA ASP B 187 -0.23 -20.90 -19.77
C ASP B 187 -1.18 -20.60 -20.92
N GLU B 188 -2.09 -19.65 -20.76
CA GLU B 188 -2.96 -19.22 -21.85
C GLU B 188 -2.31 -18.20 -22.76
N LEU B 189 -1.13 -17.73 -22.43
CA LEU B 189 -0.51 -16.67 -23.23
C LEU B 189 0.49 -17.29 -24.19
N PRO B 190 0.42 -17.00 -25.49
CA PRO B 190 1.42 -17.56 -26.40
C PRO B 190 2.84 -17.20 -25.98
N ASP B 191 3.07 -15.92 -25.70
CA ASP B 191 4.32 -15.45 -25.14
C ASP B 191 4.00 -14.42 -24.07
N PRO B 192 4.18 -14.78 -22.80
CA PRO B 192 3.80 -13.88 -21.70
C PRO B 192 4.55 -12.58 -21.70
N ASP B 193 5.71 -12.52 -22.36
CA ASP B 193 6.49 -11.29 -22.41
C ASP B 193 6.18 -10.47 -23.65
N ASP B 194 5.10 -10.79 -24.37
CA ASP B 194 4.88 -10.09 -25.64
C ASP B 194 3.37 -10.08 -25.90
N LEU B 195 2.66 -9.18 -25.21
CA LEU B 195 1.22 -9.03 -25.31
C LEU B 195 0.86 -7.67 -25.91
N GLU B 196 -0.09 -7.66 -26.85
CA GLU B 196 -0.56 -6.42 -27.46
C GLU B 196 -1.53 -5.71 -26.53
N LEU B 197 -1.31 -4.41 -26.29
CA LEU B 197 -2.18 -3.63 -25.39
C LEU B 197 -2.44 -2.25 -25.99
N GLY B 198 -3.57 -1.67 -25.63
CA GLY B 198 -3.88 -0.36 -26.17
C GLY B 198 -5.10 0.25 -25.49
N ALA B 199 -5.47 1.43 -25.98
CA ALA B 199 -6.57 2.18 -25.42
C ALA B 199 -7.12 3.06 -26.52
N GLU B 200 -8.43 3.31 -26.46
CA GLU B 200 -9.13 4.18 -27.41
C GLU B 200 -10.04 5.12 -26.64
N ILE B 201 -10.19 6.35 -27.14
CA ILE B 201 -11.08 7.33 -26.56
C ILE B 201 -12.10 7.68 -27.64
N ASN B 202 -13.38 7.47 -27.35
CA ASN B 202 -14.46 7.71 -28.29
C ASN B 202 -14.16 7.03 -29.63
N GLY B 203 -13.58 5.83 -29.55
CA GLY B 203 -13.33 5.02 -30.73
C GLY B 203 -12.06 5.33 -31.50
N GLU B 204 -11.24 6.28 -31.03
CA GLU B 204 -9.98 6.63 -31.70
CA GLU B 204 -9.99 6.66 -31.69
C GLU B 204 -8.83 6.09 -30.86
N THR B 205 -7.90 5.39 -31.52
CA THR B 205 -6.77 4.83 -30.78
C THR B 205 -5.93 5.96 -30.20
N VAL B 206 -5.58 5.84 -28.93
CA VAL B 206 -4.64 6.74 -28.29
C VAL B 206 -3.42 6.03 -27.75
N GLN B 207 -3.50 4.73 -27.44
CA GLN B 207 -2.32 3.94 -27.12
C GLN B 207 -2.40 2.61 -27.86
N HIS B 208 -1.24 2.12 -28.31
CA HIS B 208 -1.17 0.80 -28.94
C HIS B 208 0.28 0.36 -29.02
N SER B 209 0.62 -0.74 -28.33
CA SER B 209 1.98 -1.22 -28.28
C SER B 209 1.95 -2.71 -27.94
N ARG B 210 3.11 -3.27 -27.60
CA ARG B 210 3.23 -4.65 -27.13
CA ARG B 210 3.22 -4.65 -27.13
C ARG B 210 4.13 -4.65 -25.92
N THR B 211 3.83 -5.54 -24.95
CA THR B 211 4.64 -5.55 -23.74
C THR B 211 6.07 -6.05 -23.98
N SER B 212 6.37 -6.54 -25.17
CA SER B 212 7.76 -6.77 -25.54
C SER B 212 8.57 -5.48 -25.56
N GLN B 213 7.91 -4.31 -25.53
CA GLN B 213 8.60 -3.04 -25.43
C GLN B 213 8.82 -2.59 -23.98
N LEU B 214 8.53 -3.43 -22.99
CA LEU B 214 8.83 -3.04 -21.61
C LEU B 214 10.33 -2.86 -21.46
N ILE B 215 10.74 -1.76 -20.82
CA ILE B 215 12.16 -1.58 -20.53
C ILE B 215 12.61 -2.62 -19.52
N PHE B 216 11.82 -2.81 -18.47
CA PHE B 216 12.07 -3.83 -17.46
C PHE B 216 10.93 -4.84 -17.57
N PRO B 217 11.18 -6.02 -18.16
CA PRO B 217 10.10 -6.99 -18.33
C PRO B 217 9.57 -7.48 -17.00
N VAL B 218 8.44 -8.21 -17.07
CA VAL B 218 7.78 -8.69 -15.87
C VAL B 218 8.76 -9.42 -14.96
N SER B 219 9.58 -10.30 -15.52
CA SER B 219 10.49 -11.09 -14.68
C SER B 219 11.49 -10.19 -13.99
N ASN B 220 11.97 -9.16 -14.69
CA ASN B 220 12.93 -8.26 -14.09
C ASN B 220 12.28 -7.44 -12.97
N LEU B 221 11.05 -6.98 -13.19
CA LEU B 221 10.32 -6.27 -12.14
C LEU B 221 10.20 -7.11 -10.88
N ILE B 222 9.79 -8.37 -11.02
CA ILE B 222 9.59 -9.23 -9.85
C ILE B 222 10.92 -9.42 -9.12
N ALA B 223 11.98 -9.75 -9.86
CA ALA B 223 13.30 -9.91 -9.26
C ALA B 223 13.73 -8.63 -8.54
N TYR B 224 13.63 -7.50 -9.23
CA TYR B 224 14.06 -6.21 -8.67
C TYR B 224 13.30 -5.87 -7.39
N LEU B 225 11.97 -5.89 -7.46
CA LEU B 225 11.17 -5.59 -6.28
C LEU B 225 11.56 -6.49 -5.11
N SER B 226 11.66 -7.80 -5.36
CA SER B 226 11.89 -8.77 -4.30
C SER B 226 13.29 -8.69 -3.72
N ASP B 227 14.18 -7.93 -4.34
CA ASP B 227 15.47 -7.68 -3.72
C ASP B 227 15.41 -6.65 -2.61
N THR B 228 14.29 -5.94 -2.44
CA THR B 228 14.09 -5.02 -1.33
C THR B 228 12.92 -5.40 -0.44
N VAL B 229 11.77 -5.78 -1.02
CA VAL B 229 10.57 -6.12 -0.28
C VAL B 229 10.33 -7.63 -0.34
N GLU B 230 9.47 -8.12 0.55
CA GLU B 230 8.91 -9.47 0.40
C GLU B 230 7.62 -9.35 -0.40
N LEU B 231 7.59 -9.92 -1.61
CA LEU B 231 6.33 -10.01 -2.33
C LEU B 231 5.43 -11.05 -1.65
N TYR B 232 4.12 -10.80 -1.69
CA TYR B 232 3.16 -11.74 -1.13
C TYR B 232 2.27 -12.30 -2.23
N PRO B 233 1.76 -13.52 -2.05
CA PRO B 233 0.70 -14.01 -2.94
C PRO B 233 -0.46 -13.01 -2.93
N GLY B 234 -1.01 -12.76 -4.11
CA GLY B 234 -2.10 -11.81 -4.24
C GLY B 234 -1.68 -10.36 -4.42
N ASP B 235 -0.38 -10.04 -4.31
CA ASP B 235 0.08 -8.69 -4.58
C ASP B 235 -0.12 -8.34 -6.06
N VAL B 236 -0.23 -7.04 -6.34
CA VAL B 236 -0.56 -6.52 -7.65
C VAL B 236 0.60 -5.67 -8.16
N ILE B 237 0.99 -5.87 -9.43
CA ILE B 237 1.97 -5.02 -10.08
C ILE B 237 1.33 -4.39 -11.32
N PHE B 238 1.25 -3.06 -11.33
CA PHE B 238 0.94 -2.29 -12.52
C PHE B 238 2.25 -2.06 -13.27
N THR B 239 2.43 -2.71 -14.43
CA THR B 239 3.78 -2.86 -14.99
C THR B 239 4.25 -1.65 -15.78
N GLY B 240 3.40 -0.64 -15.96
CA GLY B 240 3.79 0.55 -16.72
C GLY B 240 2.94 0.73 -17.97
N THR B 241 2.96 1.93 -18.55
CA THR B 241 2.14 2.21 -19.72
C THR B 241 2.98 2.62 -20.93
N PRO B 242 2.57 2.23 -22.12
CA PRO B 242 3.26 2.66 -23.35
C PRO B 242 2.95 4.13 -23.66
N SER B 243 3.51 4.59 -24.77
CA SER B 243 3.35 6.00 -25.15
C SER B 243 1.91 6.27 -25.58
N GLY B 244 1.61 7.55 -25.78
CA GLY B 244 0.28 7.99 -26.17
C GLY B 244 -0.53 8.61 -25.05
N VAL B 245 0.03 8.76 -23.84
CA VAL B 245 -0.76 9.38 -22.79
C VAL B 245 -1.05 10.83 -23.15
N GLY B 246 -2.11 11.38 -22.54
CA GLY B 246 -2.53 12.72 -22.90
C GLY B 246 -1.53 13.80 -22.56
N MET B 247 -0.80 13.63 -21.45
CA MET B 247 0.16 14.69 -21.10
C MET B 247 1.33 14.75 -22.06
N GLY B 248 1.52 13.73 -22.91
CA GLY B 248 2.57 13.70 -23.91
C GLY B 248 2.19 14.26 -25.27
N ARG B 249 0.92 14.60 -25.47
CA ARG B 249 0.47 15.05 -26.78
C ARG B 249 0.68 16.55 -26.93
N ASN B 250 0.69 17.04 -28.17
CA ASN B 250 0.71 18.47 -28.44
CA ASN B 250 0.66 18.48 -28.37
C ASN B 250 -0.51 18.83 -29.28
N PRO B 251 -1.50 19.56 -28.73
CA PRO B 251 -1.50 20.02 -27.34
C PRO B 251 -1.80 18.88 -26.36
N LYS B 252 -1.58 19.13 -25.07
CA LYS B 252 -1.95 18.11 -24.09
C LYS B 252 -3.46 17.91 -24.12
N ARG B 253 -3.88 16.65 -23.93
CA ARG B 253 -5.30 16.31 -23.95
C ARG B 253 -5.60 15.47 -22.72
N PHE B 254 -6.71 15.77 -22.04
CA PHE B 254 -7.07 14.96 -20.88
C PHE B 254 -8.52 14.51 -21.01
N LEU B 255 -8.88 13.55 -20.17
CA LEU B 255 -10.24 13.02 -20.21
C LEU B 255 -11.25 14.12 -19.88
N ALA B 256 -12.35 14.14 -20.62
CA ALA B 256 -13.37 15.15 -20.45
C ALA B 256 -14.68 14.47 -20.14
N PRO B 257 -15.65 15.19 -19.53
CA PRO B 257 -16.93 14.56 -19.24
C PRO B 257 -17.53 13.98 -20.51
N GLY B 258 -18.05 12.77 -20.39
CA GLY B 258 -18.64 12.09 -21.53
C GLY B 258 -17.68 11.24 -22.32
N ASP B 259 -16.36 11.42 -22.15
CA ASP B 259 -15.40 10.57 -22.86
C ASP B 259 -15.59 9.11 -22.47
N GLU B 260 -15.44 8.23 -23.45
CA GLU B 260 -15.48 6.79 -23.24
C GLU B 260 -14.10 6.22 -23.56
N LEU B 261 -13.51 5.51 -22.61
CA LEU B 261 -12.16 5.02 -22.71
C LEU B 261 -12.22 3.51 -22.73
N ARG B 262 -11.85 2.91 -23.85
CA ARG B 262 -11.78 1.46 -23.98
C ARG B 262 -10.34 1.04 -23.81
N THR B 263 -10.10 0.07 -22.94
CA THR B 263 -8.76 -0.40 -22.58
C THR B 263 -8.72 -1.88 -22.91
N TYR B 264 -7.66 -2.35 -23.57
CA TYR B 264 -7.64 -3.77 -23.95
C TYR B 264 -6.22 -4.34 -23.92
N ILE B 265 -6.15 -5.66 -23.69
CA ILE B 265 -4.95 -6.45 -23.94
C ILE B 265 -5.42 -7.63 -24.79
N THR B 266 -4.90 -7.74 -26.01
CA THR B 266 -5.49 -8.64 -26.99
C THR B 266 -5.33 -10.08 -26.54
N GLY B 267 -6.44 -10.81 -26.52
CA GLY B 267 -6.44 -12.17 -26.02
C GLY B 267 -6.55 -12.31 -24.51
N VAL B 268 -6.48 -11.22 -23.76
CA VAL B 268 -6.60 -11.24 -22.31
C VAL B 268 -7.90 -10.62 -21.83
N GLY B 269 -8.22 -9.42 -22.31
CA GLY B 269 -9.48 -8.81 -21.90
C GLY B 269 -9.63 -7.40 -22.40
N GLU B 270 -10.81 -6.86 -22.15
CA GLU B 270 -11.02 -5.43 -22.42
C GLU B 270 -12.09 -4.89 -21.50
N PHE B 271 -12.12 -3.56 -21.35
CA PHE B 271 -13.24 -2.91 -20.70
C PHE B 271 -13.35 -1.48 -21.17
N THR B 272 -14.55 -0.92 -21.03
CA THR B 272 -14.80 0.45 -21.44
C THR B 272 -15.41 1.22 -20.28
N GLN B 273 -14.93 2.44 -20.06
CA GLN B 273 -15.37 3.28 -18.96
C GLN B 273 -15.74 4.65 -19.48
N ARG B 274 -16.81 5.24 -18.92
CA ARG B 274 -17.22 6.59 -19.26
C ARG B 274 -16.88 7.54 -18.11
N PHE B 275 -16.38 8.72 -18.45
CA PHE B 275 -15.94 9.68 -17.46
C PHE B 275 -16.96 10.80 -17.29
N VAL B 276 -17.21 11.18 -16.03
CA VAL B 276 -18.20 12.21 -15.68
C VAL B 276 -17.62 13.11 -14.59
N THR B 277 -18.07 14.37 -14.52
CA THR B 277 -17.58 15.20 -13.41
C THR B 277 -18.59 15.21 -12.28
N ALA B 278 -18.24 15.91 -11.21
CA ALA B 278 -19.12 16.04 -10.04
C ALA B 278 -20.21 17.08 -10.21
N ASP B 279 -20.26 17.77 -11.34
CA ASP B 279 -21.32 18.74 -11.62
C ASP B 279 -22.35 18.16 -12.59
#